data_8YKC
#
_entry.id   8YKC
#
_cell.length_a   55.920
_cell.length_b   73.960
_cell.length_c   130.600
_cell.angle_alpha   90.000
_cell.angle_beta   90.000
_cell.angle_gamma   90.000
#
_symmetry.space_group_name_H-M   'P 21 21 21'
#
loop_
_entity.id
_entity.type
_entity.pdbx_description
1 polymer 'Bifunctional adenosylcobalamin biosynthesis protein'
2 non-polymer "GUANOSINE-5'-DIPHOSPHATE"
3 non-polymer DIPHOSPHATE
4 water water
#
_entity_poly.entity_id   1
_entity_poly.type   'polypeptide(L)'
_entity_poly.pdbx_seq_one_letter_code
;GSHMPAGGDPIKSLLVVGGARSGKSRFAQRMAEASGRSLVLIATAQPLDAEMADRISRHAADRDARWTLIEAFFDLGQTL
RREAQPERLLVVDSVTLWLSNLLLRGDDLSPPIKDLARTAARLEGPVIFVSNEVGAGIVPDNALARAFRDAQGMCNQRLA
EACDAVTLVTAGIATQIKPGPEPVFRF
;
_entity_poly.pdbx_strand_id   A,B,C
#
# COMPACT_ATOMS: atom_id res chain seq x y z
N PRO A 5 6.23 7.73 28.16
CA PRO A 5 6.96 6.72 27.37
C PRO A 5 7.80 7.37 26.25
N ALA A 6 9.10 7.05 26.19
CA ALA A 6 10.04 7.35 25.08
C ALA A 6 10.01 6.23 24.03
N GLY A 7 10.39 6.51 22.78
CA GLY A 7 10.31 5.54 21.65
C GLY A 7 11.17 4.30 21.85
N GLY A 8 12.26 4.43 22.62
CA GLY A 8 13.22 3.34 22.89
C GLY A 8 12.83 2.49 24.09
N ASP A 9 11.82 2.89 24.85
CA ASP A 9 11.29 2.07 25.99
C ASP A 9 10.71 0.78 25.45
N PRO A 10 10.93 -0.38 26.11
CA PRO A 10 10.36 -1.65 25.65
C PRO A 10 8.87 -1.51 25.33
N ILE A 11 8.41 -2.06 24.19
CA ILE A 11 6.96 -2.20 23.88
C ILE A 11 6.57 -3.69 24.00
N LYS A 12 5.27 -3.94 24.00
CA LYS A 12 4.69 -5.29 24.10
C LYS A 12 4.35 -5.86 22.74
N SER A 13 4.05 -5.03 21.75
CA SER A 13 3.43 -5.51 20.50
C SER A 13 3.77 -4.62 19.32
N LEU A 14 4.08 -5.24 18.20
CA LEU A 14 4.38 -4.55 16.93
C LEU A 14 3.62 -5.25 15.82
N LEU A 15 2.94 -4.48 14.97
CA LEU A 15 2.35 -5.01 13.71
C LEU A 15 3.21 -4.52 12.54
N VAL A 16 3.66 -5.45 11.70
CA VAL A 16 4.44 -5.10 10.48
C VAL A 16 3.57 -5.46 9.26
N VAL A 17 3.14 -4.47 8.48
CA VAL A 17 2.24 -4.69 7.31
C VAL A 17 3.01 -4.40 6.01
N GLY A 18 2.90 -5.27 5.02
CA GLY A 18 3.45 -5.02 3.69
C GLY A 18 2.83 -5.91 2.64
N GLY A 19 3.03 -5.58 1.37
CA GLY A 19 2.61 -6.44 0.24
C GLY A 19 3.43 -7.71 0.19
N ALA A 20 3.19 -8.50 -0.83
CA ALA A 20 3.88 -9.76 -1.05
C ALA A 20 5.33 -9.44 -1.37
N ARG A 21 6.25 -10.14 -0.70
CA ARG A 21 7.71 -10.02 -0.97
C ARG A 21 8.13 -8.54 -0.84
N SER A 22 7.72 -7.95 0.28
CA SER A 22 7.92 -6.52 0.61
C SER A 22 9.15 -6.33 1.50
N GLY A 23 9.68 -7.40 2.09
CA GLY A 23 10.69 -7.27 3.15
C GLY A 23 10.12 -7.32 4.56
N LYS A 24 8.80 -7.48 4.71
CA LYS A 24 8.17 -7.39 6.04
C LYS A 24 8.72 -8.48 6.98
N SER A 25 8.94 -9.71 6.52
CA SER A 25 9.45 -10.83 7.37
C SER A 25 10.86 -10.50 7.84
N ARG A 26 11.72 -10.02 6.93
CA ARG A 26 13.11 -9.65 7.25
C ARG A 26 13.12 -8.50 8.27
N PHE A 27 12.21 -7.53 8.16
CA PHE A 27 12.12 -6.39 9.11
C PHE A 27 11.84 -6.94 10.51
N ALA A 28 10.82 -7.80 10.61
CA ALA A 28 10.42 -8.43 11.88
C ALA A 28 11.62 -9.19 12.44
N GLN A 29 12.31 -9.95 11.58
CA GLN A 29 13.44 -10.80 11.98
C GLN A 29 14.52 -9.92 12.59
N ARG A 30 14.76 -8.77 11.98
CA ARG A 30 15.87 -7.84 12.38
C ARG A 30 15.52 -7.25 13.74
N MET A 31 14.29 -6.76 13.89
CA MET A 31 13.81 -6.18 15.16
C MET A 31 13.97 -7.23 16.27
N ALA A 32 13.59 -8.49 16.03
CA ALA A 32 13.66 -9.60 17.01
C ALA A 32 15.12 -9.88 17.40
N GLU A 33 16.02 -9.99 16.40
CA GLU A 33 17.44 -10.37 16.61
C GLU A 33 18.18 -9.26 17.36
N ALA A 34 17.72 -8.00 17.29
CA ALA A 34 18.28 -6.86 18.06
C ALA A 34 17.90 -6.95 19.55
N SER A 35 16.88 -7.71 19.92
CA SER A 35 16.45 -7.87 21.34
C SER A 35 17.37 -8.88 22.06
N GLY A 36 17.27 -8.97 23.37
CA GLY A 36 17.96 -10.04 24.15
C GLY A 36 17.03 -11.18 24.54
N ARG A 37 15.90 -11.37 23.85
CA ARG A 37 14.87 -12.37 24.24
C ARG A 37 15.16 -13.72 23.55
N SER A 38 14.67 -14.82 24.12
CA SER A 38 14.54 -16.11 23.42
C SER A 38 13.58 -15.95 22.24
N LEU A 39 14.09 -16.11 21.02
CA LEU A 39 13.35 -15.82 19.76
C LEU A 39 12.58 -17.06 19.35
N VAL A 40 11.26 -16.93 19.20
CA VAL A 40 10.35 -18.05 18.80
C VAL A 40 9.56 -17.65 17.56
N LEU A 41 9.70 -18.41 16.49
CA LEU A 41 8.83 -18.24 15.30
C LEU A 41 7.55 -19.06 15.45
N ILE A 42 6.42 -18.36 15.38
CA ILE A 42 5.09 -19.01 15.36
C ILE A 42 4.74 -19.22 13.89
N ALA A 43 4.90 -20.45 13.38
CA ALA A 43 4.78 -20.74 11.93
C ALA A 43 3.32 -21.03 11.61
N THR A 44 2.78 -20.30 10.63
CA THR A 44 1.40 -20.49 10.14
C THR A 44 1.38 -21.05 8.73
N ALA A 45 2.51 -21.07 8.02
CA ALA A 45 2.55 -21.49 6.61
C ALA A 45 2.50 -23.02 6.52
N GLN A 46 1.53 -23.56 5.78
CA GLN A 46 1.48 -25.02 5.49
C GLN A 46 2.17 -25.28 4.16
N PRO A 47 2.99 -26.34 4.07
CA PRO A 47 3.63 -26.70 2.80
C PRO A 47 2.67 -27.40 1.83
N LEU A 48 1.60 -26.71 1.42
CA LEU A 48 0.49 -27.21 0.53
C LEU A 48 1.03 -27.56 -0.86
N ASP A 49 2.10 -26.91 -1.33
CA ASP A 49 2.66 -27.12 -2.69
C ASP A 49 4.13 -26.70 -2.74
N ALA A 50 4.76 -26.91 -3.89
CA ALA A 50 6.18 -26.60 -4.14
C ALA A 50 6.47 -25.12 -3.85
N GLU A 51 5.56 -24.22 -4.24
CA GLU A 51 5.75 -22.75 -4.07
C GLU A 51 5.75 -22.39 -2.58
N MET A 52 4.87 -23.01 -1.80
CA MET A 52 4.78 -22.75 -0.35
C MET A 52 6.01 -23.34 0.32
N ALA A 53 6.42 -24.54 -0.09
CA ALA A 53 7.61 -25.25 0.45
C ALA A 53 8.88 -24.43 0.18
N ASP A 54 8.96 -23.75 -0.96
CA ASP A 54 10.09 -22.84 -1.31
C ASP A 54 10.13 -21.67 -0.33
N ARG A 55 8.97 -21.05 -0.09
CA ARG A 55 8.88 -19.88 0.83
C ARG A 55 9.34 -20.37 2.21
N ILE A 56 8.86 -21.54 2.62
CA ILE A 56 9.18 -22.11 3.96
C ILE A 56 10.70 -22.28 4.06
N SER A 57 11.33 -22.76 2.99
CA SER A 57 12.79 -23.05 2.91
C SER A 57 13.55 -21.74 3.04
N ARG A 58 13.15 -20.70 2.30
CA ARG A 58 13.80 -19.36 2.37
C ARG A 58 13.73 -18.85 3.82
N HIS A 59 12.59 -19.00 4.51
CA HIS A 59 12.41 -18.44 5.88
C HIS A 59 13.31 -19.20 6.87
N ALA A 60 13.33 -20.53 6.80
CA ALA A 60 14.21 -21.44 7.59
C ALA A 60 15.68 -21.06 7.37
N ALA A 61 16.09 -20.85 6.11
CA ALA A 61 17.50 -20.51 5.76
C ALA A 61 17.88 -19.12 6.28
N ASP A 62 16.92 -18.17 6.34
CA ASP A 62 17.17 -16.77 6.78
C ASP A 62 17.49 -16.70 8.27
N ARG A 63 17.04 -17.68 9.08
CA ARG A 63 17.02 -17.63 10.57
C ARG A 63 18.17 -18.49 11.11
N ASP A 64 19.04 -17.91 11.93
CA ASP A 64 20.17 -18.65 12.55
C ASP A 64 19.59 -19.48 13.68
N ALA A 65 20.44 -20.24 14.38
CA ALA A 65 20.05 -21.29 15.36
C ALA A 65 19.51 -20.67 16.65
N ARG A 66 19.58 -19.35 16.82
CA ARG A 66 18.95 -18.63 17.96
C ARG A 66 17.44 -18.91 17.98
N TRP A 67 16.84 -19.23 16.84
CA TRP A 67 15.37 -19.36 16.72
C TRP A 67 14.87 -20.75 17.08
N THR A 68 13.78 -20.78 17.84
CA THR A 68 12.89 -21.95 18.05
C THR A 68 11.65 -21.79 17.14
N LEU A 69 10.99 -22.87 16.79
CA LEU A 69 9.81 -22.86 15.87
C LEU A 69 8.67 -23.65 16.51
N ILE A 70 7.48 -23.05 16.55
CA ILE A 70 6.21 -23.65 17.04
C ILE A 70 5.15 -23.46 15.96
N GLU A 71 4.53 -24.56 15.53
CA GLU A 71 3.50 -24.55 14.46
C GLU A 71 2.17 -24.16 15.09
N ALA A 72 1.43 -23.32 14.39
CA ALA A 72 0.09 -22.86 14.78
C ALA A 72 -0.68 -22.56 13.49
N PHE A 73 -0.95 -23.60 12.68
CA PHE A 73 -1.68 -23.39 11.41
C PHE A 73 -3.09 -22.81 11.68
N PHE A 74 -3.75 -23.20 12.75
CA PHE A 74 -5.18 -22.86 13.02
C PHE A 74 -5.33 -22.12 14.34
N ASP A 75 -4.73 -22.66 15.41
CA ASP A 75 -4.99 -22.24 16.82
C ASP A 75 -3.99 -21.14 17.21
N LEU A 76 -3.94 -20.03 16.48
CA LEU A 76 -2.89 -19.00 16.67
C LEU A 76 -3.05 -18.25 18.00
N GLY A 77 -4.26 -17.78 18.33
CA GLY A 77 -4.54 -17.05 19.58
C GLY A 77 -4.18 -17.90 20.80
N GLN A 78 -4.61 -19.15 20.82
CA GLN A 78 -4.34 -20.12 21.90
C GLN A 78 -2.84 -20.35 22.05
N THR A 79 -2.12 -20.53 20.95
CA THR A 79 -0.65 -20.71 20.90
C THR A 79 0.04 -19.50 21.51
N LEU A 80 -0.31 -18.28 21.08
CA LEU A 80 0.29 -17.03 21.63
C LEU A 80 0.04 -16.96 23.14
N ARG A 81 -1.18 -17.22 23.59
CA ARG A 81 -1.58 -17.13 25.02
C ARG A 81 -0.75 -18.14 25.81
N ARG A 82 -0.55 -19.34 25.27
CA ARG A 82 0.26 -20.38 25.96
C ARG A 82 1.75 -20.04 25.90
N GLU A 83 2.28 -19.53 24.79
CA GLU A 83 3.76 -19.54 24.58
C GLU A 83 4.39 -18.20 24.94
N ALA A 84 3.64 -17.10 25.03
CA ALA A 84 4.22 -15.77 25.34
C ALA A 84 4.70 -15.79 26.79
N GLN A 85 5.88 -15.23 27.01
CA GLN A 85 6.59 -15.21 28.32
C GLN A 85 7.48 -13.97 28.30
N PRO A 86 7.76 -13.37 29.48
CA PRO A 86 8.56 -12.14 29.53
C PRO A 86 9.97 -12.30 28.92
N GLU A 87 10.53 -13.51 28.94
CA GLU A 87 11.93 -13.74 28.45
C GLU A 87 11.90 -14.14 26.97
N ARG A 88 10.71 -14.29 26.39
CA ARG A 88 10.55 -14.67 24.98
C ARG A 88 10.06 -13.51 24.13
N LEU A 89 10.38 -13.59 22.84
CA LEU A 89 9.77 -12.75 21.79
C LEU A 89 9.21 -13.70 20.72
N LEU A 90 7.89 -13.69 20.55
CA LEU A 90 7.10 -14.46 19.56
C LEU A 90 6.95 -13.62 18.30
N VAL A 91 7.27 -14.22 17.16
CA VAL A 91 7.07 -13.58 15.83
C VAL A 91 6.09 -14.48 15.07
N VAL A 92 4.93 -13.90 14.70
CA VAL A 92 3.90 -14.59 13.90
C VAL A 92 4.33 -14.53 12.44
N ASP A 93 4.67 -15.71 11.89
CA ASP A 93 5.09 -15.97 10.49
C ASP A 93 4.30 -15.06 9.56
N SER A 94 3.02 -15.38 9.45
CA SER A 94 2.10 -14.65 8.59
C SER A 94 0.70 -14.77 9.20
N VAL A 95 0.13 -13.62 9.56
CA VAL A 95 -1.31 -13.55 9.92
C VAL A 95 -2.12 -13.98 8.69
N THR A 96 -1.70 -13.51 7.52
CA THR A 96 -2.40 -13.75 6.24
C THR A 96 -2.52 -15.26 6.04
N LEU A 97 -1.44 -16.02 6.23
CA LEU A 97 -1.52 -17.48 5.90
C LEU A 97 -2.36 -18.21 6.97
N TRP A 98 -2.31 -17.79 8.24
CA TRP A 98 -3.24 -18.28 9.27
C TRP A 98 -4.70 -18.09 8.82
N LEU A 99 -5.04 -16.91 8.32
CA LEU A 99 -6.42 -16.62 7.85
C LEU A 99 -6.74 -17.50 6.64
N SER A 100 -5.78 -17.70 5.74
CA SER A 100 -5.94 -18.53 4.53
C SER A 100 -6.25 -19.98 4.94
N ASN A 101 -5.59 -20.46 6.01
CA ASN A 101 -5.80 -21.82 6.57
C ASN A 101 -7.23 -21.93 7.10
N LEU A 102 -7.66 -20.97 7.93
CA LEU A 102 -9.07 -20.87 8.41
C LEU A 102 -10.07 -20.80 7.23
N LEU A 103 -9.82 -19.97 6.21
CA LEU A 103 -10.72 -19.78 5.05
C LEU A 103 -10.98 -21.13 4.37
N LEU A 104 -9.93 -21.91 4.14
CA LEU A 104 -10.03 -23.19 3.40
C LEU A 104 -10.56 -24.31 4.32
N ARG A 105 -10.28 -24.28 5.62
CA ARG A 105 -10.93 -25.24 6.56
C ARG A 105 -12.46 -24.98 6.62
N GLY A 106 -12.91 -23.72 6.63
CA GLY A 106 -14.34 -23.34 6.60
C GLY A 106 -14.82 -22.53 7.81
N ASP A 107 -13.91 -22.20 8.73
CA ASP A 107 -14.23 -21.43 9.97
C ASP A 107 -14.80 -20.07 9.58
N ASP A 108 -15.73 -19.57 10.37
CA ASP A 108 -16.11 -18.15 10.36
C ASP A 108 -14.87 -17.37 10.80
N LEU A 109 -14.52 -16.34 10.04
CA LEU A 109 -13.26 -15.59 10.20
C LEU A 109 -13.39 -14.54 11.31
N SER A 110 -14.58 -13.97 11.56
CA SER A 110 -14.68 -12.79 12.44
C SER A 110 -14.34 -13.14 13.89
N PRO A 111 -14.89 -14.23 14.45
CA PRO A 111 -14.61 -14.54 15.84
C PRO A 111 -13.11 -14.73 16.12
N PRO A 112 -12.36 -15.54 15.35
CA PRO A 112 -10.93 -15.71 15.63
C PRO A 112 -10.13 -14.42 15.37
N ILE A 113 -10.53 -13.59 14.41
CA ILE A 113 -9.87 -12.25 14.21
C ILE A 113 -10.03 -11.42 15.50
N LYS A 114 -11.26 -11.31 16.03
CA LYS A 114 -11.51 -10.45 17.22
C LYS A 114 -10.79 -11.04 18.44
N ASP A 115 -10.75 -12.37 18.56
CA ASP A 115 -10.07 -13.05 19.70
C ASP A 115 -8.56 -12.74 19.63
N LEU A 116 -7.97 -12.77 18.43
CA LEU A 116 -6.53 -12.49 18.24
C LEU A 116 -6.27 -11.04 18.66
N ALA A 117 -7.13 -10.10 18.26
CA ALA A 117 -6.91 -8.66 18.55
C ALA A 117 -6.96 -8.44 20.06
N ARG A 118 -7.94 -8.99 20.75
CA ARG A 118 -8.00 -8.92 22.24
C ARG A 118 -6.78 -9.62 22.86
N THR A 119 -6.37 -10.77 22.33
CA THR A 119 -5.22 -11.55 22.86
C THR A 119 -3.96 -10.68 22.87
N ALA A 120 -3.77 -9.91 21.81
CA ALA A 120 -2.62 -8.99 21.61
C ALA A 120 -2.57 -7.94 22.73
N ALA A 121 -3.69 -7.67 23.41
CA ALA A 121 -3.76 -6.74 24.56
C ALA A 121 -3.11 -7.34 25.81
N ARG A 122 -3.15 -8.65 26.01
CA ARG A 122 -2.77 -9.15 27.37
C ARG A 122 -1.96 -10.46 27.31
N LEU A 123 -0.96 -10.52 26.44
CA LEU A 123 0.07 -11.60 26.47
C LEU A 123 1.06 -11.34 27.60
N GLU A 124 1.70 -12.41 28.05
CA GLU A 124 2.62 -12.41 29.21
C GLU A 124 4.01 -12.02 28.72
N GLY A 125 4.17 -11.85 27.40
CA GLY A 125 5.43 -11.35 26.80
C GLY A 125 5.21 -10.76 25.41
N PRO A 126 6.28 -10.17 24.85
CA PRO A 126 6.16 -9.40 23.61
C PRO A 126 6.00 -10.26 22.35
N VAL A 127 5.36 -9.65 21.35
CA VAL A 127 4.92 -10.31 20.10
C VAL A 127 5.11 -9.33 18.94
N ILE A 128 5.54 -9.87 17.80
CA ILE A 128 5.51 -9.15 16.51
C ILE A 128 4.58 -9.91 15.58
N PHE A 129 3.59 -9.20 15.01
CA PHE A 129 2.64 -9.73 14.00
C PHE A 129 3.10 -9.28 12.63
N VAL A 130 3.36 -10.22 11.73
CA VAL A 130 3.63 -9.92 10.32
C VAL A 130 2.38 -10.26 9.51
N SER A 131 1.91 -9.31 8.71
CA SER A 131 0.64 -9.43 7.97
C SER A 131 0.72 -8.76 6.60
N ASN A 132 -0.03 -9.26 5.64
CA ASN A 132 -0.10 -8.68 4.28
C ASN A 132 -1.16 -7.58 4.20
N GLU A 133 -0.85 -6.54 3.43
CA GLU A 133 -1.86 -5.72 2.75
C GLU A 133 -2.34 -6.50 1.53
N VAL A 134 -3.66 -6.74 1.43
CA VAL A 134 -4.26 -7.41 0.23
C VAL A 134 -5.39 -6.57 -0.36
N GLY A 135 -5.54 -5.30 0.05
CA GLY A 135 -6.71 -4.46 -0.27
C GLY A 135 -6.51 -3.50 -1.43
N ALA A 136 -5.32 -3.38 -2.02
CA ALA A 136 -4.97 -2.22 -2.86
C ALA A 136 -4.92 -2.61 -4.34
N GLY A 137 -5.51 -3.76 -4.68
CA GLY A 137 -5.79 -4.22 -6.06
C GLY A 137 -7.26 -4.02 -6.43
N ILE A 138 -7.68 -4.67 -7.52
CA ILE A 138 -9.08 -4.56 -8.03
C ILE A 138 -9.98 -5.50 -7.24
N VAL A 139 -11.31 -5.35 -7.33
CA VAL A 139 -12.25 -6.27 -6.63
C VAL A 139 -12.10 -7.65 -7.25
N PRO A 140 -11.84 -8.72 -6.46
CA PRO A 140 -11.75 -10.06 -7.03
C PRO A 140 -13.06 -10.58 -7.67
N ASP A 141 -12.91 -11.43 -8.69
CA ASP A 141 -13.99 -12.21 -9.36
C ASP A 141 -14.80 -13.06 -8.40
N ASN A 142 -14.17 -13.93 -7.61
CA ASN A 142 -14.88 -15.00 -6.86
C ASN A 142 -15.21 -14.54 -5.43
N ALA A 143 -16.16 -15.24 -4.80
CA ALA A 143 -16.77 -14.85 -3.52
C ALA A 143 -15.77 -15.12 -2.39
N LEU A 144 -15.03 -16.22 -2.46
CA LEU A 144 -14.08 -16.61 -1.39
C LEU A 144 -12.94 -15.58 -1.33
N ALA A 145 -12.41 -15.16 -2.49
CA ALA A 145 -11.35 -14.15 -2.60
C ALA A 145 -11.84 -12.81 -2.02
N ARG A 146 -13.08 -12.41 -2.33
CA ARG A 146 -13.70 -11.16 -1.83
C ARG A 146 -13.87 -11.24 -0.31
N ALA A 147 -14.25 -12.40 0.23
CA ALA A 147 -14.50 -12.59 1.68
C ALA A 147 -13.15 -12.52 2.39
N PHE A 148 -12.12 -13.11 1.77
CA PHE A 148 -10.75 -13.14 2.32
C PHE A 148 -10.21 -11.70 2.36
N ARG A 149 -10.34 -10.97 1.28
CA ARG A 149 -9.77 -9.61 1.15
C ARG A 149 -10.37 -8.73 2.23
N ASP A 150 -11.67 -8.84 2.43
CA ASP A 150 -12.43 -8.05 3.41
C ASP A 150 -11.98 -8.43 4.83
N ALA A 151 -11.88 -9.73 5.14
CA ALA A 151 -11.56 -10.18 6.52
C ALA A 151 -10.12 -9.73 6.83
N GLN A 152 -9.21 -9.81 5.87
CA GLN A 152 -7.79 -9.44 6.09
C GLN A 152 -7.69 -7.94 6.39
N GLY A 153 -8.40 -7.10 5.64
CA GLY A 153 -8.47 -5.65 5.93
C GLY A 153 -8.98 -5.39 7.32
N MET A 154 -10.07 -6.06 7.70
CA MET A 154 -10.65 -5.86 9.05
C MET A 154 -9.62 -6.30 10.11
N CYS A 155 -8.96 -7.43 9.87
CA CYS A 155 -7.97 -8.02 10.80
C CYS A 155 -6.83 -7.03 11.03
N ASN A 156 -6.33 -6.44 9.96
CA ASN A 156 -5.17 -5.53 10.08
C ASN A 156 -5.63 -4.26 10.83
N GLN A 157 -6.83 -3.76 10.59
CA GLN A 157 -7.38 -2.62 11.38
C GLN A 157 -7.36 -2.97 12.87
N ARG A 158 -7.84 -4.16 13.23
CA ARG A 158 -7.98 -4.56 14.65
C ARG A 158 -6.60 -4.73 15.28
N LEU A 159 -5.68 -5.36 14.56
CA LEU A 159 -4.33 -5.59 15.11
C LEU A 159 -3.62 -4.24 15.26
N ALA A 160 -3.79 -3.31 14.30
CA ALA A 160 -3.12 -1.98 14.37
C ALA A 160 -3.63 -1.20 15.58
N GLU A 161 -4.93 -1.28 15.87
CA GLU A 161 -5.53 -0.60 17.05
C GLU A 161 -4.96 -1.24 18.32
N ALA A 162 -4.88 -2.57 18.38
CA ALA A 162 -4.44 -3.29 19.58
C ALA A 162 -2.92 -3.10 19.84
N CYS A 163 -2.08 -3.02 18.81
CA CYS A 163 -0.60 -3.11 18.97
C CYS A 163 -0.01 -1.77 19.43
N ASP A 164 1.05 -1.81 20.21
CA ASP A 164 1.74 -0.57 20.66
C ASP A 164 2.33 0.18 19.45
N ALA A 165 2.79 -0.53 18.43
CA ALA A 165 3.46 0.13 17.29
C ALA A 165 3.08 -0.59 15.99
N VAL A 166 3.12 0.14 14.90
CA VAL A 166 2.73 -0.35 13.56
C VAL A 166 3.71 0.23 12.57
N THR A 167 4.21 -0.63 11.68
CA THR A 167 5.12 -0.19 10.62
C THR A 167 4.60 -0.75 9.28
N LEU A 168 4.76 0.06 8.25
CA LEU A 168 4.50 -0.30 6.85
C LEU A 168 5.84 -0.59 6.21
N VAL A 169 5.99 -1.74 5.59
CA VAL A 169 7.26 -2.02 4.91
C VAL A 169 7.00 -2.03 3.40
N THR A 170 7.78 -1.26 2.65
CA THR A 170 7.58 -0.99 1.19
C THR A 170 8.93 -1.13 0.49
N ALA A 171 9.08 -2.06 -0.47
CA ALA A 171 10.39 -2.28 -1.16
C ALA A 171 11.51 -2.47 -0.13
N GLY A 172 11.24 -3.17 0.98
CA GLY A 172 12.22 -3.54 2.02
C GLY A 172 12.52 -2.42 3.02
N ILE A 173 11.86 -1.28 2.93
CA ILE A 173 12.07 -0.11 3.82
C ILE A 173 10.86 0.11 4.72
N ALA A 174 11.10 0.12 6.04
CA ALA A 174 10.08 0.31 7.08
C ALA A 174 9.80 1.81 7.28
N THR A 175 8.53 2.14 7.40
CA THR A 175 8.05 3.47 7.87
C THR A 175 7.12 3.26 9.05
N GLN A 176 7.39 3.97 10.15
CA GLN A 176 6.54 3.94 11.37
C GLN A 176 5.27 4.73 11.09
N ILE A 177 4.10 4.18 11.41
CA ILE A 177 2.82 4.95 11.36
C ILE A 177 2.16 4.96 12.75
N LYS A 178 2.65 4.16 13.69
CA LYS A 178 2.19 4.18 15.12
C LYS A 178 3.35 3.76 16.01
N PRO A 179 3.62 4.46 17.14
CA PRO A 179 2.90 5.67 17.54
C PRO A 179 3.12 6.86 16.60
N GLY A 180 2.20 7.82 16.67
CA GLY A 180 2.26 9.03 15.85
C GLY A 180 0.90 9.74 15.89
N PRO A 181 0.83 11.05 16.16
CA PRO A 181 -0.46 11.73 16.23
C PRO A 181 -1.23 11.61 14.90
N GLU A 182 -2.52 11.31 15.00
CA GLU A 182 -3.43 11.33 13.84
C GLU A 182 -3.51 12.76 13.29
N PRO A 183 -3.57 12.95 11.95
CA PRO A 183 -3.85 14.27 11.39
C PRO A 183 -5.20 14.82 11.88
N VAL A 184 -5.32 16.13 11.99
CA VAL A 184 -6.55 16.88 12.43
C VAL A 184 -6.84 17.90 11.34
N PHE A 185 -8.11 18.12 11.02
CA PHE A 185 -8.54 19.12 10.01
C PHE A 185 -9.68 19.95 10.58
N ARG A 186 -9.71 21.23 10.24
CA ARG A 186 -10.87 22.12 10.49
C ARG A 186 -11.49 22.39 9.11
N PHE A 187 -12.82 22.45 9.04
CA PHE A 187 -13.58 22.70 7.77
C PHE A 187 -14.53 23.88 7.94
N GLY B 8 -5.13 23.98 12.94
CA GLY B 8 -4.63 24.89 11.86
C GLY B 8 -5.77 25.63 11.19
N ASP B 9 -5.53 26.25 10.03
CA ASP B 9 -6.57 27.00 9.27
C ASP B 9 -7.56 25.99 8.68
N PRO B 10 -8.85 26.36 8.47
CA PRO B 10 -9.82 25.47 7.85
C PRO B 10 -9.49 25.20 6.39
N ILE B 11 -9.80 23.98 5.90
CA ILE B 11 -9.65 23.58 4.46
C ILE B 11 -11.06 23.38 3.90
N LYS B 12 -11.21 23.34 2.56
CA LYS B 12 -12.53 23.06 1.93
C LYS B 12 -12.52 21.67 1.31
N SER B 13 -11.39 21.00 1.18
CA SER B 13 -11.35 19.69 0.47
C SER B 13 -10.29 18.74 1.05
N LEU B 14 -10.72 17.53 1.39
CA LEU B 14 -9.81 16.45 1.85
C LEU B 14 -10.05 15.22 0.98
N LEU B 15 -9.00 14.61 0.44
CA LEU B 15 -9.05 13.29 -0.25
C LEU B 15 -8.50 12.20 0.68
N VAL B 16 -9.28 11.12 0.87
CA VAL B 16 -8.86 10.00 1.74
C VAL B 16 -8.73 8.78 0.83
N VAL B 17 -7.52 8.25 0.66
CA VAL B 17 -7.23 7.09 -0.25
C VAL B 17 -6.81 5.90 0.62
N GLY B 18 -7.38 4.75 0.34
CA GLY B 18 -7.06 3.53 1.08
C GLY B 18 -7.52 2.33 0.29
N GLY B 19 -7.04 1.17 0.71
CA GLY B 19 -7.41 -0.13 0.12
C GLY B 19 -8.78 -0.58 0.58
N ALA B 20 -9.19 -1.76 0.13
CA ALA B 20 -10.49 -2.35 0.52
C ALA B 20 -10.41 -2.68 2.01
N ARG B 21 -11.42 -2.26 2.75
CA ARG B 21 -11.55 -2.49 4.20
C ARG B 21 -10.30 -1.97 4.91
N SER B 22 -9.91 -0.75 4.57
CA SER B 22 -8.74 -0.07 5.17
C SER B 22 -9.13 0.78 6.38
N GLY B 23 -10.41 1.05 6.64
CA GLY B 23 -10.82 2.02 7.68
C GLY B 23 -10.98 3.43 7.13
N LYS B 24 -10.83 3.63 5.82
CA LYS B 24 -10.93 4.99 5.21
C LYS B 24 -12.31 5.61 5.47
N SER B 25 -13.38 4.84 5.41
CA SER B 25 -14.78 5.31 5.58
C SER B 25 -14.96 5.86 6.99
N ARG B 26 -14.60 5.05 7.98
CA ARG B 26 -14.65 5.40 9.41
C ARG B 26 -13.80 6.65 9.66
N PHE B 27 -12.61 6.72 9.09
CA PHE B 27 -11.73 7.90 9.24
C PHE B 27 -12.41 9.14 8.70
N ALA B 28 -12.96 9.09 7.47
CA ALA B 28 -13.71 10.23 6.87
C ALA B 28 -14.85 10.60 7.82
N GLN B 29 -15.58 9.59 8.30
CA GLN B 29 -16.75 9.89 9.17
C GLN B 29 -16.32 10.67 10.42
N ARG B 30 -15.28 10.21 11.10
CA ARG B 30 -14.73 10.87 12.30
C ARG B 30 -14.25 12.30 12.00
N MET B 31 -13.54 12.53 10.89
CA MET B 31 -13.08 13.89 10.51
C MET B 31 -14.32 14.78 10.33
N ALA B 32 -15.38 14.26 9.72
CA ALA B 32 -16.65 15.00 9.53
C ALA B 32 -17.28 15.33 10.90
N GLU B 33 -17.37 14.33 11.77
CA GLU B 33 -18.08 14.46 13.07
C GLU B 33 -17.31 15.39 14.00
N ALA B 34 -16.01 15.61 13.78
CA ALA B 34 -15.19 16.59 14.55
C ALA B 34 -15.37 18.03 14.05
N SER B 35 -15.98 18.26 12.88
CA SER B 35 -16.02 19.58 12.18
C SER B 35 -17.03 20.57 12.77
N GLY B 36 -18.10 20.12 13.44
CA GLY B 36 -19.18 21.04 13.88
C GLY B 36 -20.08 21.52 12.74
N ARG B 37 -19.94 20.97 11.53
CA ARG B 37 -20.77 21.32 10.35
C ARG B 37 -21.99 20.42 10.31
N SER B 38 -22.96 20.79 9.46
CA SER B 38 -24.13 19.97 9.08
C SER B 38 -23.66 18.83 8.19
N LEU B 39 -23.94 17.58 8.58
CA LEU B 39 -23.27 16.44 7.89
C LEU B 39 -24.23 15.77 6.91
N VAL B 40 -23.75 15.56 5.68
CA VAL B 40 -24.50 14.93 4.55
C VAL B 40 -23.64 13.81 3.98
N LEU B 41 -24.16 12.60 3.85
CA LEU B 41 -23.41 11.55 3.13
C LEU B 41 -23.92 11.54 1.70
N ILE B 42 -23.00 11.70 0.74
CA ILE B 42 -23.29 11.60 -0.71
C ILE B 42 -23.11 10.12 -1.08
N ALA B 43 -24.19 9.35 -1.12
CA ALA B 43 -24.13 7.88 -1.32
C ALA B 43 -24.01 7.57 -2.83
N THR B 44 -23.03 6.74 -3.20
CA THR B 44 -22.75 6.36 -4.61
C THR B 44 -22.98 4.86 -4.82
N ALA B 45 -23.13 4.06 -3.76
CA ALA B 45 -23.23 2.58 -3.83
C ALA B 45 -24.59 2.16 -4.38
N GLN B 46 -24.63 1.37 -5.46
CA GLN B 46 -25.87 0.71 -5.96
C GLN B 46 -26.05 -0.61 -5.20
N PRO B 47 -27.20 -0.77 -4.51
CA PRO B 47 -27.63 -2.07 -3.97
C PRO B 47 -28.07 -3.05 -5.09
N ASP B 49 -26.44 -6.51 -5.09
CA ASP B 49 -26.27 -7.86 -4.49
C ASP B 49 -26.15 -7.75 -2.96
N ALA B 50 -26.14 -8.88 -2.25
CA ALA B 50 -26.13 -8.96 -0.77
C ALA B 50 -24.78 -8.50 -0.19
N GLU B 51 -23.71 -8.49 -1.01
CA GLU B 51 -22.37 -7.99 -0.61
C GLU B 51 -22.44 -6.47 -0.43
N MET B 52 -23.11 -5.77 -1.35
CA MET B 52 -23.30 -4.28 -1.32
C MET B 52 -24.27 -3.90 -0.18
N ALA B 53 -25.42 -4.57 -0.09
CA ALA B 53 -26.47 -4.41 0.95
C ALA B 53 -25.87 -4.49 2.35
N ASP B 54 -24.94 -5.45 2.55
CA ASP B 54 -24.23 -5.66 3.84
C ASP B 54 -23.35 -4.45 4.13
N ARG B 55 -22.56 -3.99 3.14
CA ARG B 55 -21.70 -2.78 3.30
C ARG B 55 -22.58 -1.59 3.67
N ILE B 56 -23.61 -1.32 2.87
CA ILE B 56 -24.56 -0.16 3.03
C ILE B 56 -25.18 -0.22 4.44
N SER B 57 -25.62 -1.39 4.90
CA SER B 57 -26.19 -1.59 6.26
C SER B 57 -25.12 -1.36 7.35
N ARG B 58 -23.92 -1.94 7.19
CA ARG B 58 -22.78 -1.72 8.14
C ARG B 58 -22.61 -0.21 8.33
N HIS B 59 -22.40 0.53 7.23
CA HIS B 59 -22.14 2.00 7.23
C HIS B 59 -23.32 2.74 7.89
N ALA B 60 -24.56 2.41 7.52
CA ALA B 60 -25.81 3.07 7.99
C ALA B 60 -25.96 2.88 9.50
N ALA B 61 -25.74 1.65 9.99
CA ALA B 61 -25.76 1.29 11.43
C ALA B 61 -24.83 2.22 12.20
N ASP B 62 -23.64 2.49 11.65
CA ASP B 62 -22.54 3.22 12.33
C ASP B 62 -22.69 4.74 12.08
N ARG B 63 -23.84 5.22 11.59
CA ARG B 63 -24.17 6.67 11.39
C ARG B 63 -25.40 7.06 12.22
N ASP B 64 -25.27 8.07 13.10
CA ASP B 64 -26.35 8.56 14.02
C ASP B 64 -27.15 9.68 13.34
N ALA B 65 -28.12 10.26 14.07
CA ALA B 65 -29.19 11.16 13.58
C ALA B 65 -28.66 12.49 13.02
N ARG B 66 -27.40 12.84 13.30
CA ARG B 66 -26.76 14.08 12.77
C ARG B 66 -26.69 14.04 11.24
N TRP B 67 -26.68 12.84 10.64
CA TRP B 67 -26.35 12.62 9.20
C TRP B 67 -27.62 12.65 8.34
N THR B 68 -27.57 13.42 7.26
CA THR B 68 -28.50 13.45 6.10
C THR B 68 -27.87 12.56 5.02
N LEU B 69 -28.69 11.95 4.18
CA LEU B 69 -28.20 11.04 3.11
C LEU B 69 -28.79 11.53 1.79
N ILE B 70 -27.95 11.83 0.79
CA ILE B 70 -28.40 12.18 -0.59
C ILE B 70 -27.78 11.18 -1.55
N GLU B 71 -28.55 10.57 -2.43
CA GLU B 71 -28.03 9.59 -3.43
C GLU B 71 -27.49 10.34 -4.65
N ALA B 72 -26.34 9.90 -5.18
CA ALA B 72 -25.73 10.38 -6.44
C ALA B 72 -24.94 9.22 -7.08
N PHE B 73 -25.66 8.29 -7.70
CA PHE B 73 -25.06 7.05 -8.26
C PHE B 73 -24.20 7.40 -9.47
N PHE B 74 -24.59 8.43 -10.22
CA PHE B 74 -23.98 8.84 -11.51
C PHE B 74 -23.66 10.34 -11.50
N ASP B 75 -24.58 11.21 -11.06
CA ASP B 75 -24.46 12.68 -11.23
C ASP B 75 -23.73 13.31 -10.03
N LEU B 76 -22.51 12.85 -9.75
CA LEU B 76 -21.81 13.18 -8.48
C LEU B 76 -21.36 14.65 -8.51
N GLY B 77 -20.75 15.09 -9.59
CA GLY B 77 -20.20 16.46 -9.68
C GLY B 77 -21.32 17.48 -9.51
N GLN B 78 -22.40 17.31 -10.28
CA GLN B 78 -23.62 18.16 -10.21
C GLN B 78 -24.13 18.15 -8.76
N THR B 79 -24.19 16.98 -8.13
CA THR B 79 -24.71 16.91 -6.74
C THR B 79 -23.83 17.74 -5.80
N LEU B 80 -22.50 17.59 -5.88
CA LEU B 80 -21.53 18.36 -5.07
C LEU B 80 -21.75 19.86 -5.30
N ARG B 81 -21.79 20.31 -6.56
CA ARG B 81 -22.03 21.73 -6.92
C ARG B 81 -23.32 22.23 -6.26
N ARG B 82 -24.40 21.45 -6.32
CA ARG B 82 -25.72 21.86 -5.78
C ARG B 82 -25.71 21.90 -4.25
N GLU B 83 -25.12 20.91 -3.59
CA GLU B 83 -25.36 20.71 -2.14
C GLU B 83 -24.29 21.40 -1.26
N ALA B 84 -23.07 21.65 -1.76
CA ALA B 84 -21.94 22.17 -0.96
C ALA B 84 -22.23 23.60 -0.48
N GLN B 85 -22.08 23.86 0.81
CA GLN B 85 -22.09 25.24 1.36
C GLN B 85 -21.26 25.27 2.64
N PRO B 86 -20.74 26.46 3.03
CA PRO B 86 -19.86 26.58 4.18
C PRO B 86 -20.44 25.99 5.48
N GLU B 87 -21.75 26.01 5.59
CA GLU B 87 -22.50 25.59 6.79
C GLU B 87 -22.52 24.05 6.83
N ARG B 88 -22.22 23.37 5.72
CA ARG B 88 -22.32 21.88 5.58
C ARG B 88 -20.96 21.23 5.35
N LEU B 89 -20.87 19.94 5.68
CA LEU B 89 -19.75 19.09 5.22
C LEU B 89 -20.36 17.86 4.54
N LEU B 90 -20.01 17.67 3.27
CA LEU B 90 -20.46 16.52 2.45
C LEU B 90 -19.35 15.47 2.50
N VAL B 91 -19.71 14.21 2.63
CA VAL B 91 -18.71 13.13 2.52
C VAL B 91 -19.11 12.25 1.33
N VAL B 92 -18.22 12.09 0.38
CA VAL B 92 -18.48 11.19 -0.77
C VAL B 92 -18.17 9.76 -0.32
N ASP B 93 -19.23 8.97 -0.19
CA ASP B 93 -19.34 7.52 0.13
C ASP B 93 -18.13 6.82 -0.42
N SER B 94 -18.11 6.78 -1.75
CA SER B 94 -17.07 6.10 -2.52
C SER B 94 -17.00 6.74 -3.90
N VAL B 95 -15.89 7.40 -4.18
CA VAL B 95 -15.51 7.81 -5.54
C VAL B 95 -15.44 6.57 -6.42
N THR B 96 -14.93 5.47 -5.86
CA THR B 96 -14.64 4.20 -6.60
C THR B 96 -15.96 3.64 -7.14
N LEU B 97 -16.99 3.54 -6.30
CA LEU B 97 -18.26 2.88 -6.71
C LEU B 97 -19.00 3.80 -7.68
N TRP B 98 -18.84 5.12 -7.56
CA TRP B 98 -19.36 6.08 -8.58
C TRP B 98 -18.66 5.82 -9.91
N LEU B 99 -17.34 5.66 -9.91
CA LEU B 99 -16.62 5.34 -11.16
C LEU B 99 -17.11 3.99 -11.70
N SER B 100 -17.35 3.04 -10.83
CA SER B 100 -17.78 1.68 -11.24
C SER B 100 -19.14 1.75 -11.93
N ASN B 101 -20.05 2.60 -11.44
CA ASN B 101 -21.42 2.81 -12.00
C ASN B 101 -21.31 3.36 -13.42
N LEU B 102 -20.44 4.36 -13.62
CA LEU B 102 -20.24 5.02 -14.93
C LEU B 102 -19.67 3.98 -15.90
N LEU B 103 -18.65 3.25 -15.48
CA LEU B 103 -17.95 2.25 -16.32
C LEU B 103 -18.98 1.27 -16.90
N LEU B 104 -19.75 0.67 -16.00
CA LEU B 104 -20.69 -0.42 -16.35
C LEU B 104 -21.85 0.14 -17.18
N ARG B 105 -22.19 1.43 -17.04
CA ARG B 105 -23.24 2.07 -17.87
C ARG B 105 -22.73 2.26 -19.31
N GLY B 106 -21.42 2.35 -19.52
CA GLY B 106 -20.83 2.58 -20.85
C GLY B 106 -20.17 3.94 -20.99
N ASP B 107 -20.31 4.82 -19.99
CA ASP B 107 -19.73 6.18 -20.03
C ASP B 107 -18.23 6.16 -20.34
N ASP B 108 -17.78 7.14 -21.11
CA ASP B 108 -16.36 7.55 -21.24
C ASP B 108 -16.00 8.24 -19.91
N LEU B 109 -14.99 7.75 -19.20
CA LEU B 109 -14.73 8.14 -17.79
C LEU B 109 -13.90 9.42 -17.73
N SER B 110 -13.17 9.79 -18.77
CA SER B 110 -12.22 10.93 -18.69
C SER B 110 -12.97 12.25 -18.44
N PRO B 111 -14.06 12.58 -19.18
CA PRO B 111 -14.78 13.82 -18.92
C PRO B 111 -15.36 13.91 -17.50
N PRO B 112 -16.13 12.92 -16.98
CA PRO B 112 -16.66 13.04 -15.62
C PRO B 112 -15.55 13.13 -14.54
N ILE B 113 -14.44 12.45 -14.75
CA ILE B 113 -13.24 12.56 -13.84
C ILE B 113 -12.73 14.00 -13.88
N LYS B 114 -12.52 14.55 -15.08
CA LYS B 114 -11.98 15.93 -15.23
C LYS B 114 -12.95 16.91 -14.57
N ASP B 115 -14.25 16.70 -14.77
CA ASP B 115 -15.30 17.59 -14.24
C ASP B 115 -15.31 17.52 -12.70
N LEU B 116 -15.16 16.33 -12.11
CA LEU B 116 -15.17 16.16 -10.64
C LEU B 116 -13.96 16.88 -10.03
N ALA B 117 -12.76 16.73 -10.59
CA ALA B 117 -11.55 17.41 -10.08
C ALA B 117 -11.70 18.93 -10.23
N ARG B 118 -12.28 19.41 -11.34
CA ARG B 118 -12.55 20.86 -11.51
C ARG B 118 -13.47 21.35 -10.39
N THR B 119 -14.57 20.63 -10.15
CA THR B 119 -15.57 20.92 -9.10
C THR B 119 -14.86 20.93 -7.74
N ALA B 120 -14.06 19.90 -7.45
CA ALA B 120 -13.30 19.80 -6.18
C ALA B 120 -12.49 21.09 -5.99
N ALA B 121 -11.85 21.60 -7.04
CA ALA B 121 -10.89 22.73 -6.89
C ALA B 121 -11.64 24.03 -6.61
N ARG B 122 -12.94 24.12 -6.92
CA ARG B 122 -13.75 25.38 -6.89
C ARG B 122 -14.81 25.30 -5.78
N LEU B 123 -14.80 24.26 -4.95
CA LEU B 123 -15.81 24.04 -3.88
C LEU B 123 -15.96 25.28 -2.99
N GLU B 124 -17.21 25.62 -2.67
CA GLU B 124 -17.58 26.79 -1.84
C GLU B 124 -18.02 26.28 -0.47
N GLY B 125 -18.12 24.96 -0.31
CA GLY B 125 -18.36 24.29 0.97
C GLY B 125 -17.49 23.05 1.09
N PRO B 126 -17.16 22.60 2.33
CA PRO B 126 -16.19 21.53 2.51
C PRO B 126 -16.74 20.16 2.07
N VAL B 127 -15.85 19.37 1.50
CA VAL B 127 -16.14 17.99 1.01
C VAL B 127 -14.97 17.09 1.38
N ILE B 128 -15.30 15.90 1.87
CA ILE B 128 -14.32 14.80 2.02
C ILE B 128 -14.66 13.77 0.95
N PHE B 129 -13.68 13.51 0.10
CA PHE B 129 -13.73 12.45 -0.93
C PHE B 129 -13.09 11.18 -0.36
N VAL B 130 -13.84 10.09 -0.31
CA VAL B 130 -13.25 8.76 0.03
C VAL B 130 -13.07 7.97 -1.26
N SER B 131 -11.89 7.43 -1.51
CA SER B 131 -11.52 6.70 -2.74
C SER B 131 -10.57 5.53 -2.46
N ASN B 132 -10.63 4.51 -3.30
CA ASN B 132 -9.82 3.29 -3.17
C ASN B 132 -8.54 3.47 -3.98
N GLU B 133 -7.44 2.95 -3.43
CA GLU B 133 -6.26 2.56 -4.22
C GLU B 133 -6.59 1.22 -4.86
N VAL B 134 -6.45 1.11 -6.18
CA VAL B 134 -6.70 -0.19 -6.86
C VAL B 134 -5.52 -0.54 -7.75
N GLY B 135 -4.43 0.21 -7.67
CA GLY B 135 -3.31 0.13 -8.62
C GLY B 135 -2.13 -0.73 -8.16
N ALA B 136 -2.14 -1.32 -6.97
CA ALA B 136 -0.90 -1.87 -6.35
C ALA B 136 -0.89 -3.40 -6.37
N GLY B 137 -1.70 -3.97 -7.26
CA GLY B 137 -1.80 -5.40 -7.57
C GLY B 137 -1.25 -5.65 -8.96
N ILE B 138 -1.54 -6.82 -9.51
CA ILE B 138 -1.02 -7.21 -10.86
C ILE B 138 -1.89 -6.58 -11.95
N VAL B 139 -1.44 -6.62 -13.21
CA VAL B 139 -2.27 -6.12 -14.34
C VAL B 139 -3.45 -7.08 -14.50
N PRO B 140 -4.72 -6.60 -14.44
CA PRO B 140 -5.88 -7.45 -14.66
C PRO B 140 -5.95 -8.11 -16.05
N ASP B 141 -6.48 -9.33 -16.10
CA ASP B 141 -6.60 -10.18 -17.30
C ASP B 141 -7.57 -9.57 -18.31
N ASN B 142 -8.70 -8.98 -17.88
CA ASN B 142 -9.69 -8.48 -18.87
C ASN B 142 -9.58 -6.97 -19.04
N ALA B 143 -9.94 -6.54 -20.24
CA ALA B 143 -9.81 -5.16 -20.74
C ALA B 143 -10.58 -4.19 -19.85
N LEU B 144 -11.79 -4.55 -19.42
CA LEU B 144 -12.66 -3.58 -18.73
C LEU B 144 -12.09 -3.28 -17.34
N ALA B 145 -11.55 -4.30 -16.66
CA ALA B 145 -10.90 -4.14 -15.35
C ALA B 145 -9.60 -3.34 -15.52
N ARG B 146 -8.90 -3.48 -16.63
CA ARG B 146 -7.65 -2.70 -16.88
C ARG B 146 -8.02 -1.23 -17.10
N ALA B 147 -9.11 -0.97 -17.81
CA ALA B 147 -9.57 0.41 -18.08
C ALA B 147 -10.01 1.05 -16.75
N PHE B 148 -10.70 0.32 -15.89
CA PHE B 148 -11.16 0.80 -14.56
C PHE B 148 -9.95 1.13 -13.65
N ARG B 149 -9.02 0.18 -13.51
CA ARG B 149 -7.74 0.36 -12.75
C ARG B 149 -7.03 1.65 -13.20
N ASP B 150 -6.86 1.80 -14.52
CA ASP B 150 -6.25 3.00 -15.16
C ASP B 150 -6.99 4.28 -14.76
N ALA B 151 -8.31 4.31 -14.95
CA ALA B 151 -9.17 5.48 -14.68
C ALA B 151 -9.16 5.84 -13.19
N GLN B 152 -9.32 4.86 -12.30
CA GLN B 152 -9.29 5.11 -10.84
C GLN B 152 -7.96 5.77 -10.46
N GLY B 153 -6.85 5.33 -11.03
CA GLY B 153 -5.52 5.92 -10.75
C GLY B 153 -5.47 7.36 -11.26
N MET B 154 -5.86 7.58 -12.50
CA MET B 154 -5.96 8.95 -13.10
C MET B 154 -6.86 9.79 -12.20
N CYS B 155 -8.02 9.29 -11.80
CA CYS B 155 -9.01 10.05 -10.98
C CYS B 155 -8.40 10.52 -9.65
N ASN B 156 -7.71 9.64 -8.96
CA ASN B 156 -7.07 9.94 -7.64
C ASN B 156 -5.95 10.98 -7.83
N GLN B 157 -5.20 10.91 -8.92
CA GLN B 157 -4.15 11.92 -9.25
C GLN B 157 -4.81 13.30 -9.41
N ARG B 158 -5.90 13.38 -10.18
CA ARG B 158 -6.61 14.66 -10.47
C ARG B 158 -7.19 15.21 -9.18
N LEU B 159 -7.82 14.34 -8.38
CA LEU B 159 -8.48 14.74 -7.10
C LEU B 159 -7.40 15.18 -6.12
N ALA B 160 -6.26 14.48 -6.06
CA ALA B 160 -5.18 14.84 -5.10
C ALA B 160 -4.65 16.24 -5.46
N GLU B 161 -4.53 16.53 -6.75
CA GLU B 161 -4.07 17.87 -7.19
C GLU B 161 -5.08 18.94 -6.75
N ALA B 162 -6.38 18.67 -6.91
CA ALA B 162 -7.45 19.66 -6.67
C ALA B 162 -7.64 19.92 -5.18
N CYS B 163 -7.47 18.88 -4.36
CA CYS B 163 -7.85 18.91 -2.92
C CYS B 163 -6.76 19.63 -2.09
N ASP B 164 -7.19 20.31 -1.02
CA ASP B 164 -6.37 21.06 -0.03
C ASP B 164 -5.51 20.06 0.74
N ALA B 165 -6.07 18.90 1.08
CA ALA B 165 -5.40 17.90 1.94
C ALA B 165 -5.64 16.48 1.38
N VAL B 166 -4.64 15.62 1.50
CA VAL B 166 -4.72 14.19 1.09
C VAL B 166 -4.18 13.37 2.27
N THR B 167 -4.90 12.31 2.64
CA THR B 167 -4.50 11.33 3.68
C THR B 167 -4.53 9.93 3.07
N LEU B 168 -3.52 9.10 3.33
CA LEU B 168 -3.55 7.65 3.01
C LEU B 168 -3.99 6.93 4.27
N VAL B 169 -4.95 6.00 4.17
CA VAL B 169 -5.35 5.21 5.38
C VAL B 169 -4.93 3.78 5.11
N THR B 170 -4.15 3.26 6.05
CA THR B 170 -3.52 1.91 6.03
C THR B 170 -3.86 1.21 7.36
N ALA B 171 -4.64 0.13 7.31
CA ALA B 171 -4.94 -0.68 8.52
C ALA B 171 -5.55 0.27 9.57
N GLY B 172 -6.38 1.22 9.13
CA GLY B 172 -7.18 2.06 10.03
C GLY B 172 -6.42 3.30 10.51
N ILE B 173 -5.16 3.46 10.13
CA ILE B 173 -4.29 4.58 10.57
C ILE B 173 -4.11 5.54 9.41
N ALA B 174 -4.44 6.82 9.66
CA ALA B 174 -4.34 7.94 8.71
C ALA B 174 -2.93 8.53 8.72
N THR B 175 -2.33 8.71 7.52
CA THR B 175 -1.10 9.51 7.34
C THR B 175 -1.36 10.64 6.33
N GLN B 176 -1.04 11.87 6.71
CA GLN B 176 -1.23 13.04 5.82
C GLN B 176 -0.08 13.06 4.82
N ILE B 177 -0.34 13.24 3.53
CA ILE B 177 0.76 13.42 2.53
C ILE B 177 0.64 14.77 1.84
N LYS B 178 -0.46 15.50 2.04
CA LYS B 178 -0.66 16.90 1.56
C LYS B 178 -1.52 17.63 2.57
N PRO B 179 -1.21 18.89 2.99
CA PRO B 179 0.00 19.58 2.55
C PRO B 179 1.31 18.89 2.94
N GLY B 180 2.36 19.11 2.17
CA GLY B 180 3.72 18.59 2.40
C GLY B 180 4.65 18.96 1.25
N PRO B 181 5.88 19.47 1.50
CA PRO B 181 6.86 19.66 0.43
C PRO B 181 7.17 18.42 -0.43
N GLU B 182 7.04 18.52 -1.76
CA GLU B 182 7.57 17.50 -2.69
C GLU B 182 9.08 17.33 -2.41
N PRO B 183 9.62 16.10 -2.35
CA PRO B 183 11.06 15.90 -2.18
C PRO B 183 11.84 16.55 -3.33
N VAL B 184 12.99 17.16 -3.00
CA VAL B 184 13.95 17.75 -3.98
C VAL B 184 15.21 16.87 -4.00
N PHE B 185 15.78 16.62 -5.18
CA PHE B 185 17.03 15.83 -5.34
C PHE B 185 18.07 16.61 -6.14
N ARG B 186 19.32 16.58 -5.69
CA ARG B 186 20.47 17.07 -6.49
C ARG B 186 21.26 15.84 -6.92
N PHE B 187 21.54 15.69 -8.21
CA PHE B 187 22.28 14.54 -8.79
C PHE B 187 23.77 14.92 -8.97
N ASP C 9 22.43 17.16 -0.21
CA ASP C 9 23.62 16.34 -0.63
C ASP C 9 23.29 15.64 -1.94
N PRO C 10 24.13 15.76 -3.00
CA PRO C 10 23.86 15.09 -4.27
C PRO C 10 23.80 13.56 -4.13
N ILE C 11 23.00 12.91 -4.98
CA ILE C 11 22.74 11.43 -4.96
C ILE C 11 23.09 10.91 -6.35
N LYS C 12 23.44 9.63 -6.46
CA LYS C 12 23.73 8.99 -7.76
C LYS C 12 22.52 8.19 -8.24
N SER C 13 21.54 7.86 -7.37
CA SER C 13 20.48 6.89 -7.75
C SER C 13 19.19 7.19 -7.01
N LEU C 14 18.05 7.14 -7.73
CA LEU C 14 16.70 7.30 -7.13
C LEU C 14 15.79 6.17 -7.64
N LEU C 15 15.18 5.40 -6.71
CA LEU C 15 14.10 4.43 -7.01
C LEU C 15 12.74 5.13 -6.78
N VAL C 16 11.84 5.07 -7.77
CA VAL C 16 10.47 5.63 -7.67
C VAL C 16 9.49 4.47 -7.75
N VAL C 17 8.71 4.26 -6.70
CA VAL C 17 7.76 3.13 -6.66
C VAL C 17 6.34 3.68 -6.54
N GLY C 18 5.46 3.17 -7.40
CA GLY C 18 4.01 3.36 -7.21
C GLY C 18 3.19 2.32 -7.94
N GLY C 19 1.88 2.39 -7.71
CA GLY C 19 0.88 1.54 -8.38
C GLY C 19 0.66 1.99 -9.83
N ALA C 20 -0.25 1.30 -10.50
CA ALA C 20 -0.63 1.61 -11.89
C ALA C 20 -1.27 3.00 -11.92
N ARG C 21 -0.85 3.83 -12.87
CA ARG C 21 -1.32 5.23 -13.02
C ARG C 21 -1.29 5.92 -11.65
N SER C 22 -0.11 5.90 -11.04
CA SER C 22 0.17 6.54 -9.73
C SER C 22 0.67 7.97 -9.95
N GLY C 23 1.10 8.32 -11.16
CA GLY C 23 1.83 9.58 -11.40
C GLY C 23 3.35 9.42 -11.25
N LYS C 24 3.87 8.21 -11.08
CA LYS C 24 5.33 7.99 -10.85
C LYS C 24 6.17 8.30 -12.11
N SER C 25 5.73 7.88 -13.30
CA SER C 25 6.41 8.15 -14.60
C SER C 25 6.64 9.65 -14.78
N ARG C 26 5.60 10.46 -14.64
CA ARG C 26 5.68 11.95 -14.80
C ARG C 26 6.47 12.53 -13.62
N PHE C 27 6.46 11.91 -12.44
CA PHE C 27 7.29 12.39 -11.31
C PHE C 27 8.77 12.23 -11.66
N ALA C 28 9.18 11.07 -12.19
CA ALA C 28 10.57 10.73 -12.55
C ALA C 28 11.04 11.66 -13.69
N GLN C 29 10.23 11.77 -14.74
CA GLN C 29 10.47 12.73 -15.85
C GLN C 29 10.73 14.14 -15.30
N ARG C 30 9.91 14.60 -14.35
CA ARG C 30 9.97 16.01 -13.89
C ARG C 30 11.20 16.23 -13.00
N MET C 31 11.68 15.19 -12.32
CA MET C 31 12.85 15.26 -11.41
C MET C 31 14.11 15.51 -12.25
N ALA C 32 14.20 14.87 -13.42
CA ALA C 32 15.26 15.09 -14.43
C ALA C 32 15.24 16.56 -14.89
N GLU C 33 14.08 17.04 -15.33
CA GLU C 33 13.92 18.36 -16.00
C GLU C 33 14.17 19.48 -14.97
N ALA C 34 14.37 19.15 -13.68
CA ALA C 34 14.71 20.10 -12.60
C ALA C 34 16.21 20.01 -12.25
N SER C 35 16.95 19.13 -12.91
CA SER C 35 18.27 18.62 -12.43
C SER C 35 19.43 19.45 -12.98
N GLY C 36 19.23 20.08 -14.15
CA GLY C 36 20.28 20.80 -14.89
C GLY C 36 21.07 19.88 -15.80
N ARG C 37 20.80 18.56 -15.79
CA ARG C 37 21.63 17.53 -16.48
C ARG C 37 21.15 17.33 -17.91
N SER C 38 21.81 16.39 -18.63
CA SER C 38 21.54 15.93 -20.03
C SER C 38 20.57 14.76 -20.00
N LEU C 39 19.27 15.05 -20.04
CA LEU C 39 18.17 14.07 -19.76
C LEU C 39 18.17 13.00 -20.85
N VAL C 40 18.13 11.72 -20.46
CA VAL C 40 18.08 10.52 -21.37
C VAL C 40 17.05 9.52 -20.85
N LEU C 41 16.34 8.80 -21.75
CA LEU C 41 15.23 7.84 -21.42
C LEU C 41 15.61 6.44 -21.94
N ILE C 42 15.60 5.44 -21.05
CA ILE C 42 15.81 4.00 -21.38
C ILE C 42 14.43 3.33 -21.40
N ALA C 43 14.16 2.42 -22.36
CA ALA C 43 12.86 1.77 -22.58
C ALA C 43 13.02 0.24 -22.69
N THR C 44 12.16 -0.51 -22.00
CA THR C 44 12.25 -2.00 -21.87
C THR C 44 11.06 -2.69 -22.57
N ALA C 65 12.60 16.55 -26.90
CA ALA C 65 13.72 17.04 -27.75
C ALA C 65 14.94 17.40 -26.89
N ARG C 66 14.81 17.37 -25.55
CA ARG C 66 15.93 17.44 -24.58
C ARG C 66 16.30 16.01 -24.15
N TRP C 67 15.51 15.03 -24.62
CA TRP C 67 15.68 13.58 -24.34
C TRP C 67 16.31 12.91 -25.56
N THR C 68 17.23 11.97 -25.32
CA THR C 68 17.62 10.90 -26.27
C THR C 68 16.55 9.81 -26.14
N LEU C 69 16.78 8.59 -26.63
CA LEU C 69 15.93 7.40 -26.39
C LEU C 69 16.69 6.12 -26.77
N ILE C 70 16.79 5.15 -25.86
CA ILE C 70 17.53 3.86 -26.07
C ILE C 70 16.61 2.68 -25.70
N GLU C 71 16.85 1.51 -26.32
CA GLU C 71 16.13 0.25 -26.04
C GLU C 71 17.08 -0.74 -25.34
N ALA C 72 16.59 -1.42 -24.30
CA ALA C 72 17.27 -2.55 -23.62
C ALA C 72 16.21 -3.47 -23.01
N PHE C 73 15.75 -4.44 -23.78
CA PHE C 73 14.72 -5.44 -23.37
C PHE C 73 15.38 -6.56 -22.57
N PHE C 74 16.67 -6.86 -22.79
CA PHE C 74 17.34 -8.05 -22.21
C PHE C 74 18.72 -7.74 -21.58
N ASP C 75 19.33 -6.58 -21.83
CA ASP C 75 20.73 -6.37 -21.36
C ASP C 75 20.78 -5.40 -20.16
N LEU C 76 19.66 -4.71 -19.86
CA LEU C 76 19.56 -3.49 -18.99
C LEU C 76 20.84 -3.22 -18.19
N GLY C 77 21.24 -4.12 -17.29
CA GLY C 77 22.50 -3.98 -16.52
C GLY C 77 23.62 -3.48 -17.39
N GLN C 78 24.14 -4.36 -18.27
CA GLN C 78 25.18 -4.05 -19.29
C GLN C 78 24.89 -2.68 -19.91
N THR C 79 23.64 -2.43 -20.34
CA THR C 79 23.24 -1.18 -21.04
C THR C 79 23.60 0.03 -20.18
N LEU C 80 23.10 0.06 -18.94
CA LEU C 80 23.18 1.24 -18.03
C LEU C 80 24.65 1.65 -17.83
N ARG C 81 25.52 0.66 -17.66
CA ARG C 81 26.98 0.81 -17.50
C ARG C 81 27.53 1.54 -18.73
N ARG C 82 27.14 1.07 -19.93
CA ARG C 82 27.60 1.63 -21.23
C ARG C 82 27.14 3.08 -21.34
N GLU C 83 25.86 3.35 -21.10
CA GLU C 83 25.18 4.62 -21.49
C GLU C 83 25.29 5.69 -20.40
N ALA C 84 25.61 5.33 -19.15
CA ALA C 84 25.80 6.31 -18.05
C ALA C 84 27.15 7.02 -18.22
N GLN C 85 27.12 8.34 -18.13
CA GLN C 85 28.30 9.25 -18.02
C GLN C 85 27.97 10.28 -16.95
N PRO C 86 28.98 10.96 -16.36
CA PRO C 86 28.77 11.96 -15.31
C PRO C 86 27.81 13.11 -15.65
N GLU C 87 27.70 13.48 -16.93
CA GLU C 87 26.89 14.63 -17.43
C GLU C 87 25.46 14.15 -17.74
N ARG C 88 25.29 12.87 -18.05
CA ARG C 88 23.99 12.24 -18.41
C ARG C 88 23.20 11.92 -17.12
N LEU C 89 21.87 11.95 -17.22
CA LEU C 89 20.90 11.51 -16.16
C LEU C 89 19.95 10.52 -16.85
N LEU C 90 20.17 9.20 -16.68
CA LEU C 90 19.31 8.16 -17.29
C LEU C 90 18.03 8.02 -16.46
N VAL C 91 16.96 7.55 -17.10
CA VAL C 91 15.66 7.19 -16.46
C VAL C 91 15.21 5.87 -17.08
N VAL C 92 15.14 4.82 -16.27
CA VAL C 92 14.59 3.50 -16.70
C VAL C 92 13.08 3.61 -16.65
N ASP C 93 12.43 3.32 -17.78
CA ASP C 93 11.00 3.62 -18.04
C ASP C 93 10.14 2.68 -17.19
N SER C 94 10.40 1.38 -17.27
CA SER C 94 9.91 0.34 -16.33
C SER C 94 10.99 -0.69 -16.08
N VAL C 95 11.36 -0.81 -14.81
CA VAL C 95 11.97 -2.04 -14.28
C VAL C 95 10.97 -3.18 -14.55
N THR C 96 9.67 -2.90 -14.45
CA THR C 96 8.54 -3.87 -14.42
C THR C 96 8.52 -4.70 -15.73
N LEU C 97 8.83 -4.10 -16.86
CA LEU C 97 8.70 -4.79 -18.18
C LEU C 97 9.96 -5.58 -18.50
N TRP C 98 11.11 -5.06 -18.09
CA TRP C 98 12.41 -5.77 -18.20
C TRP C 98 12.28 -7.12 -17.45
N LEU C 99 11.73 -7.09 -16.24
CA LEU C 99 11.47 -8.32 -15.44
C LEU C 99 10.62 -9.28 -16.28
N SER C 100 9.54 -8.77 -16.84
CA SER C 100 8.60 -9.55 -17.67
C SER C 100 9.40 -10.31 -18.74
N ASN C 101 10.32 -9.60 -19.40
CA ASN C 101 11.07 -10.16 -20.54
C ASN C 101 11.79 -11.42 -20.03
N LEU C 102 12.69 -11.30 -19.06
CA LEU C 102 13.51 -12.45 -18.56
C LEU C 102 12.58 -13.63 -18.17
N LEU C 103 11.47 -13.26 -17.51
CA LEU C 103 10.33 -14.12 -17.08
C LEU C 103 9.88 -15.02 -18.25
N LEU C 104 9.47 -14.38 -19.35
CA LEU C 104 8.99 -14.95 -20.65
C LEU C 104 10.01 -15.91 -21.26
N ARG C 105 11.27 -15.49 -21.34
CA ARG C 105 12.40 -16.27 -21.93
C ARG C 105 12.78 -17.47 -21.03
N GLY C 106 12.30 -17.50 -19.78
CA GLY C 106 12.43 -18.65 -18.87
C GLY C 106 13.67 -18.55 -17.99
N ASP C 107 14.21 -17.34 -17.87
CA ASP C 107 15.46 -17.00 -17.13
C ASP C 107 15.27 -17.26 -15.64
N ASP C 108 16.32 -17.73 -14.95
CA ASP C 108 16.45 -17.67 -13.47
C ASP C 108 16.64 -16.19 -13.09
N LEU C 109 15.68 -15.57 -12.38
CA LEU C 109 15.73 -14.09 -12.18
C LEU C 109 16.66 -13.69 -11.02
N SER C 110 17.02 -14.59 -10.10
CA SER C 110 17.81 -14.22 -8.89
C SER C 110 19.18 -13.64 -9.27
N PRO C 111 20.03 -14.30 -10.10
CA PRO C 111 21.29 -13.69 -10.55
C PRO C 111 21.17 -12.37 -11.34
N PRO C 112 20.31 -12.23 -12.37
CA PRO C 112 20.17 -10.94 -13.05
C PRO C 112 19.78 -9.82 -12.07
N ILE C 113 18.77 -10.06 -11.22
CA ILE C 113 18.28 -9.04 -10.26
C ILE C 113 19.43 -8.63 -9.35
N LYS C 114 20.24 -9.59 -8.88
CA LYS C 114 21.44 -9.32 -8.04
C LYS C 114 22.40 -8.39 -8.81
N ASP C 115 22.56 -8.64 -10.12
CA ASP C 115 23.56 -7.94 -11.00
C ASP C 115 23.17 -6.48 -11.13
N LEU C 116 21.92 -6.23 -11.53
CA LEU C 116 21.33 -4.90 -11.74
C LEU C 116 21.45 -4.02 -10.48
N ALA C 117 21.32 -4.62 -9.28
CA ALA C 117 21.46 -3.93 -7.98
C ALA C 117 22.93 -3.54 -7.78
N ARG C 118 23.87 -4.45 -8.11
CA ARG C 118 25.32 -4.15 -8.05
C ARG C 118 25.61 -3.00 -9.02
N THR C 119 25.15 -3.13 -10.27
CA THR C 119 25.26 -2.09 -11.32
C THR C 119 24.81 -0.73 -10.77
N ALA C 120 23.65 -0.68 -10.13
CA ALA C 120 23.01 0.56 -9.62
C ALA C 120 23.92 1.34 -8.65
N ALA C 121 24.89 0.69 -8.00
CA ALA C 121 25.83 1.30 -7.03
C ALA C 121 27.04 1.91 -7.74
N ARG C 122 27.38 1.40 -8.93
CA ARG C 122 28.68 1.64 -9.61
C ARG C 122 28.48 2.27 -10.99
N LEU C 123 27.44 3.09 -11.19
CA LEU C 123 27.22 3.75 -12.51
C LEU C 123 28.15 4.95 -12.63
N GLU C 124 28.61 5.23 -13.86
CA GLU C 124 29.53 6.38 -14.14
C GLU C 124 28.77 7.69 -13.98
N GLY C 125 27.45 7.65 -13.82
CA GLY C 125 26.62 8.84 -13.57
C GLY C 125 25.21 8.47 -13.14
N PRO C 126 24.39 9.47 -12.75
CA PRO C 126 23.13 9.22 -12.06
C PRO C 126 22.03 8.55 -12.90
N VAL C 127 21.05 7.95 -12.20
CA VAL C 127 20.00 7.07 -12.78
C VAL C 127 18.75 7.11 -11.89
N ILE C 128 17.57 7.29 -12.49
CA ILE C 128 16.25 7.21 -11.80
C ILE C 128 15.60 5.93 -12.33
N PHE C 129 15.25 5.00 -11.44
CA PHE C 129 14.62 3.72 -11.80
C PHE C 129 13.12 3.87 -11.52
N VAL C 130 12.25 3.60 -12.49
CA VAL C 130 10.78 3.72 -12.25
C VAL C 130 10.22 2.30 -12.20
N SER C 131 9.49 1.96 -11.12
CA SER C 131 9.04 0.57 -10.86
C SER C 131 7.64 0.60 -10.22
N ASN C 132 6.89 -0.45 -10.44
CA ASN C 132 5.53 -0.66 -9.89
C ASN C 132 5.60 -1.44 -8.57
N GLU C 133 4.76 -1.04 -7.61
CA GLU C 133 4.26 -1.97 -6.55
C GLU C 133 3.19 -2.86 -7.20
N VAL C 134 3.35 -4.17 -7.10
CA VAL C 134 2.32 -5.15 -7.60
C VAL C 134 1.95 -6.16 -6.50
N GLY C 135 2.44 -6.01 -5.27
CA GLY C 135 2.21 -7.04 -4.25
C GLY C 135 1.06 -6.78 -3.29
N ALA C 136 0.27 -5.71 -3.42
CA ALA C 136 -0.65 -5.27 -2.33
C ALA C 136 -2.10 -5.69 -2.65
N GLY C 137 -2.28 -6.63 -3.57
CA GLY C 137 -3.55 -7.31 -3.83
C GLY C 137 -3.47 -8.78 -3.45
N ILE C 138 -4.45 -9.55 -3.89
CA ILE C 138 -4.62 -10.99 -3.51
C ILE C 138 -3.61 -11.85 -4.28
N VAL C 139 -3.39 -13.09 -3.85
CA VAL C 139 -2.45 -14.03 -4.52
C VAL C 139 -3.07 -14.38 -5.87
N PRO C 140 -2.38 -14.10 -7.01
CA PRO C 140 -2.91 -14.44 -8.32
C PRO C 140 -3.13 -15.94 -8.53
N ASP C 141 -4.11 -16.28 -9.37
CA ASP C 141 -4.54 -17.70 -9.56
C ASP C 141 -3.55 -18.41 -10.50
N ASN C 142 -2.90 -17.72 -11.42
CA ASN C 142 -1.99 -18.38 -12.40
C ASN C 142 -0.51 -18.26 -11.97
N ALA C 143 0.24 -19.31 -12.27
CA ALA C 143 1.66 -19.47 -11.85
C ALA C 143 2.51 -18.29 -12.33
N LEU C 144 2.38 -17.84 -13.58
CA LEU C 144 3.25 -16.78 -14.16
C LEU C 144 3.06 -15.45 -13.41
N ALA C 145 1.82 -15.02 -13.19
CA ALA C 145 1.48 -13.81 -12.38
C ALA C 145 2.07 -13.95 -10.99
N ARG C 146 1.95 -15.12 -10.35
CA ARG C 146 2.50 -15.34 -8.98
C ARG C 146 4.02 -15.16 -9.01
N ALA C 147 4.70 -15.72 -10.03
CA ALA C 147 6.16 -15.70 -10.17
C ALA C 147 6.62 -14.27 -10.44
N PHE C 148 5.84 -13.50 -11.19
CA PHE C 148 6.19 -12.11 -11.53
C PHE C 148 5.99 -11.21 -10.31
N ARG C 149 4.85 -11.34 -9.65
CA ARG C 149 4.55 -10.68 -8.34
C ARG C 149 5.73 -10.86 -7.37
N ASP C 150 6.22 -12.08 -7.23
CA ASP C 150 7.34 -12.46 -6.34
C ASP C 150 8.65 -11.77 -6.78
N ALA C 151 8.98 -11.86 -8.07
CA ALA C 151 10.22 -11.29 -8.61
C ALA C 151 10.20 -9.76 -8.49
N GLN C 152 9.09 -9.13 -8.81
CA GLN C 152 8.92 -7.66 -8.74
C GLN C 152 9.15 -7.19 -7.32
N GLY C 153 8.59 -7.89 -6.33
CA GLY C 153 8.84 -7.55 -4.92
C GLY C 153 10.32 -7.68 -4.56
N MET C 154 10.97 -8.79 -4.88
CA MET C 154 12.42 -9.01 -4.59
C MET C 154 13.24 -7.92 -5.29
N CYS C 155 12.94 -7.63 -6.55
CA CYS C 155 13.64 -6.63 -7.38
C CYS C 155 13.54 -5.26 -6.71
N ASN C 156 12.37 -4.86 -6.23
CA ASN C 156 12.21 -3.50 -5.63
C ASN C 156 13.01 -3.46 -4.33
N GLN C 157 13.01 -4.53 -3.56
CA GLN C 157 13.80 -4.56 -2.30
C GLN C 157 15.30 -4.34 -2.63
N ARG C 158 15.80 -5.02 -3.69
CA ARG C 158 17.25 -5.03 -4.03
C ARG C 158 17.63 -3.65 -4.59
N LEU C 159 16.78 -3.04 -5.43
CA LEU C 159 17.02 -1.66 -5.93
C LEU C 159 16.90 -0.62 -4.82
N ALA C 160 15.92 -0.77 -3.92
CA ALA C 160 15.78 0.15 -2.78
C ALA C 160 17.07 0.16 -1.96
N GLU C 161 17.66 -1.01 -1.70
CA GLU C 161 18.87 -1.18 -0.85
C GLU C 161 20.05 -0.53 -1.58
N ALA C 162 20.20 -0.73 -2.88
CA ALA C 162 21.36 -0.23 -3.66
C ALA C 162 21.27 1.29 -3.90
N CYS C 163 20.07 1.85 -4.06
CA CYS C 163 19.88 3.26 -4.48
C CYS C 163 20.08 4.20 -3.28
N ASP C 164 20.56 5.40 -3.54
CA ASP C 164 20.75 6.46 -2.50
C ASP C 164 19.41 6.95 -1.96
N ALA C 165 18.39 7.03 -2.81
CA ALA C 165 17.07 7.58 -2.44
C ALA C 165 15.96 6.74 -3.05
N VAL C 166 14.83 6.75 -2.36
CA VAL C 166 13.61 5.97 -2.71
C VAL C 166 12.44 6.87 -2.34
N THR C 167 11.50 7.01 -3.27
CA THR C 167 10.26 7.79 -3.12
C THR C 167 9.09 6.87 -3.45
N LEU C 168 8.03 6.95 -2.67
CA LEU C 168 6.74 6.29 -2.98
C LEU C 168 5.85 7.36 -3.58
N VAL C 169 5.30 7.06 -4.75
CA VAL C 169 4.31 7.95 -5.40
C VAL C 169 2.91 7.34 -5.28
N THR C 170 2.00 8.10 -4.68
CA THR C 170 0.61 7.69 -4.36
C THR C 170 -0.35 8.80 -4.82
N ALA C 171 -1.22 8.52 -5.78
CA ALA C 171 -2.16 9.51 -6.34
C ALA C 171 -1.39 10.77 -6.76
N GLY C 172 -0.23 10.59 -7.39
CA GLY C 172 0.54 11.71 -7.97
C GLY C 172 1.37 12.45 -6.94
N ILE C 173 1.39 11.99 -5.67
CA ILE C 173 2.15 12.68 -4.59
C ILE C 173 3.36 11.81 -4.19
N ALA C 174 4.56 12.38 -4.32
CA ALA C 174 5.83 11.72 -3.95
C ALA C 174 6.07 11.91 -2.45
N THR C 175 6.44 10.83 -1.76
CA THR C 175 6.90 10.79 -0.36
C THR C 175 8.27 10.11 -0.30
N GLN C 176 9.27 10.77 0.27
CA GLN C 176 10.64 10.20 0.41
C GLN C 176 10.63 9.21 1.57
N ILE C 177 11.14 7.99 1.35
CA ILE C 177 11.32 7.00 2.45
C ILE C 177 12.80 6.70 2.65
N LYS C 178 13.65 7.11 1.70
CA LYS C 178 15.12 6.97 1.80
C LYS C 178 15.75 8.13 1.03
N PRO C 179 16.77 8.82 1.58
CA PRO C 179 17.30 8.55 2.91
C PRO C 179 16.37 9.03 4.05
N GLY C 180 16.67 8.55 5.25
CA GLY C 180 15.83 8.70 6.45
C GLY C 180 16.05 7.50 7.37
N PRO C 181 16.26 7.68 8.68
CA PRO C 181 16.48 6.53 9.57
C PRO C 181 15.23 5.63 9.56
N GLU C 182 15.43 4.34 9.39
CA GLU C 182 14.36 3.33 9.53
C GLU C 182 14.04 3.25 11.01
N PRO C 183 12.76 3.02 11.38
CA PRO C 183 12.34 2.97 12.78
C PRO C 183 12.96 1.72 13.41
N VAL C 184 13.15 1.79 14.73
CA VAL C 184 13.68 0.72 15.60
C VAL C 184 12.69 0.59 16.77
N PHE C 185 12.37 -0.65 17.11
CA PHE C 185 11.45 -1.00 18.22
C PHE C 185 12.22 -1.91 19.18
N ARG C 186 12.11 -1.66 20.48
CA ARG C 186 12.83 -2.42 21.51
C ARG C 186 11.85 -3.28 22.32
N PHE C 187 12.28 -4.48 22.72
CA PHE C 187 11.43 -5.45 23.46
C PHE C 187 12.16 -5.95 24.73
#